data_5YBD
#
_entry.id   5YBD
#
_cell.length_a   39.279
_cell.length_b   233.871
_cell.length_c   80.524
_cell.angle_alpha   90.000
_cell.angle_beta   90.000
_cell.angle_gamma   90.000
#
_symmetry.space_group_name_H-M   'C 2 2 21'
#
loop_
_entity.id
_entity.type
_entity.pdbx_description
1 polymer 'Transcriptional regulator ERG'
2 polymer "DNA (5'-D(P*AP*CP*CP*GP*GP*AP*AP*GP*T)-3')"
3 polymer "DNA (5'-D(P*CP*AP*CP*TP*TP*CP*CP*GP*GP*T)-3')"
#
loop_
_entity_poly.entity_id
_entity_poly.type
_entity_poly.pdbx_seq_one_letter_code
_entity_poly.pdbx_strand_id
1 'polypeptide(L)'
;QIQLWQFLLELLSDSSNSSCITWEGTNGEFKMTDPDEVARRWGERKSKPNMNYDKLSRALRYYYDKNIMTKVHGKRYAYK
FDFHGIAQALLEHHHHH
;
A,X
2 'polydeoxyribonucleotide' (DA)(DC)(DC)(DG)(DG)(DA)(DA)(DG)(DT) B,Y
3 'polydeoxyribonucleotide' (DC)(DA)(DC)(DT)(DT)(DC)(DC)(DG)(DG)(DT) C,Z
#
loop_
_chem_comp.id
_chem_comp.type
_chem_comp.name
_chem_comp.formula
DA DNA linking 2'-DEOXYADENOSINE-5'-MONOPHOSPHATE 'C10 H14 N5 O6 P'
DC DNA linking 2'-DEOXYCYTIDINE-5'-MONOPHOSPHATE 'C9 H14 N3 O7 P'
DG DNA linking 2'-DEOXYGUANOSINE-5'-MONOPHOSPHATE 'C10 H14 N5 O7 P'
DT DNA linking THYMIDINE-5'-MONOPHOSPHATE 'C10 H15 N2 O8 P'
#
# COMPACT_ATOMS: atom_id res chain seq x y z
N ILE A 2 -21.29 -3.52 -21.26
CA ILE A 2 -21.10 -2.96 -19.93
C ILE A 2 -19.64 -2.54 -19.64
N GLN A 3 -19.46 -1.44 -18.91
CA GLN A 3 -18.12 -0.96 -18.55
C GLN A 3 -17.74 -1.19 -17.09
N LEU A 4 -16.45 -1.19 -16.82
CA LEU A 4 -15.94 -1.55 -15.49
C LEU A 4 -16.53 -0.72 -14.35
N TRP A 5 -16.66 0.59 -14.52
CA TRP A 5 -17.27 1.40 -13.47
C TRP A 5 -18.75 1.05 -13.24
N GLN A 6 -19.49 0.76 -14.31
CA GLN A 6 -20.88 0.35 -14.18
C GLN A 6 -20.97 -0.97 -13.43
N PHE A 7 -20.04 -1.85 -13.73
CA PHE A 7 -19.96 -3.15 -13.09
C PHE A 7 -19.76 -3.04 -11.59
N LEU A 8 -18.88 -2.15 -11.20
CA LEU A 8 -18.58 -1.96 -9.79
C LEU A 8 -19.73 -1.31 -9.07
N LEU A 9 -20.33 -0.34 -9.74
CA LEU A 9 -21.56 0.29 -9.25
C LEU A 9 -22.63 -0.77 -9.07
N GLU A 10 -22.75 -1.65 -10.05
CA GLU A 10 -23.68 -2.75 -9.97
C GLU A 10 -23.44 -3.65 -8.76
N LEU A 11 -22.18 -4.01 -8.52
CA LEU A 11 -21.84 -4.85 -7.39
C LEU A 11 -22.10 -4.13 -6.08
N LEU A 12 -21.93 -2.81 -6.12
CA LEU A 12 -22.07 -1.97 -4.94
C LEU A 12 -23.52 -1.68 -4.60
N SER A 13 -24.38 -1.58 -5.62
CA SER A 13 -25.81 -1.32 -5.42
C SER A 13 -26.49 -2.44 -4.65
N ASP A 14 -26.09 -3.68 -4.88
CA ASP A 14 -26.60 -4.79 -4.08
C ASP A 14 -25.68 -5.05 -2.90
N SER A 15 -26.09 -4.65 -1.70
CA SER A 15 -25.22 -4.76 -0.52
C SER A 15 -25.00 -6.20 -0.09
N SER A 16 -25.57 -7.12 -0.85
CA SER A 16 -25.42 -8.54 -0.64
C SER A 16 -24.04 -9.01 -1.14
N ASN A 17 -23.33 -8.12 -1.83
CA ASN A 17 -22.00 -8.41 -2.31
C ASN A 17 -20.94 -7.78 -1.41
N SER A 18 -21.34 -7.48 -0.18
CA SER A 18 -20.46 -6.75 0.73
C SER A 18 -19.26 -7.59 1.13
N SER A 19 -19.33 -8.89 0.93
CA SER A 19 -18.22 -9.76 1.27
C SER A 19 -17.06 -9.56 0.31
N CYS A 20 -17.31 -8.91 -0.82
CA CYS A 20 -16.22 -8.76 -1.78
C CYS A 20 -16.01 -7.29 -2.18
N ILE A 21 -17.01 -6.45 -1.96
CA ILE A 21 -16.87 -5.03 -2.24
C ILE A 21 -17.92 -4.25 -1.43
N THR A 22 -17.59 -3.03 -1.04
CA THR A 22 -18.46 -2.28 -0.16
C THR A 22 -18.18 -0.79 -0.27
N TRP A 23 -19.21 0.03 -0.05
CA TRP A 23 -19.02 1.47 0.09
C TRP A 23 -18.24 1.73 1.35
N GLU A 24 -17.49 2.80 1.36
CA GLU A 24 -16.61 3.07 2.46
C GLU A 24 -16.80 4.52 2.84
N GLY A 25 -17.90 4.77 3.54
CA GLY A 25 -18.28 6.12 3.90
C GLY A 25 -18.69 6.91 2.67
N THR A 26 -19.76 7.67 2.80
CA THR A 26 -20.13 8.60 1.75
C THR A 26 -19.03 9.67 1.60
N ASN A 27 -18.71 10.05 0.37
CA ASN A 27 -19.34 9.47 -0.80
C ASN A 27 -18.37 9.24 -1.97
N GLY A 28 -18.48 8.05 -2.54
CA GLY A 28 -17.72 7.69 -3.72
C GLY A 28 -16.61 6.69 -3.45
N GLU A 29 -16.17 6.62 -2.20
CA GLU A 29 -15.11 5.67 -1.86
C GLU A 29 -15.63 4.26 -1.64
N PHE A 30 -14.93 3.29 -2.20
CA PHE A 30 -15.27 1.89 -2.00
C PHE A 30 -14.02 1.05 -1.78
N LYS A 31 -14.18 -0.05 -1.06
CA LYS A 31 -13.12 -1.00 -0.82
C LYS A 31 -13.54 -2.40 -1.27
N MET A 32 -12.69 -3.01 -2.08
CA MET A 32 -12.85 -4.40 -2.39
C MET A 32 -12.34 -5.25 -1.23
N THR A 33 -13.25 -5.97 -0.60
CA THR A 33 -12.90 -6.82 0.54
C THR A 33 -12.45 -8.23 0.10
N ASP A 34 -12.61 -8.53 -1.20
CA ASP A 34 -12.04 -9.72 -1.86
C ASP A 34 -11.71 -9.37 -3.30
N PRO A 35 -10.60 -8.66 -3.54
CA PRO A 35 -10.25 -8.17 -4.87
C PRO A 35 -10.12 -9.23 -5.95
N ASP A 36 -9.75 -10.46 -5.57
CA ASP A 36 -9.65 -11.53 -6.56
C ASP A 36 -11.02 -11.97 -6.97
N GLU A 37 -11.94 -11.96 -6.02
CA GLU A 37 -13.30 -12.36 -6.30
C GLU A 37 -13.95 -11.31 -7.17
N VAL A 38 -13.60 -10.05 -6.96
CA VAL A 38 -14.11 -9.00 -7.82
C VAL A 38 -13.53 -9.17 -9.23
N ALA A 39 -12.28 -9.61 -9.32
CA ALA A 39 -11.64 -9.80 -10.61
C ALA A 39 -12.19 -11.04 -11.37
N ARG A 40 -12.44 -12.14 -10.66
CA ARG A 40 -12.89 -13.31 -11.36
C ARG A 40 -14.34 -13.13 -11.82
N ARG A 41 -15.10 -12.30 -11.11
CA ARG A 41 -16.47 -12.01 -11.51
C ARG A 41 -16.49 -11.12 -12.76
N TRP A 42 -15.54 -10.21 -12.84
CA TRP A 42 -15.42 -9.27 -13.95
C TRP A 42 -14.96 -9.96 -15.22
N GLY A 43 -14.06 -10.93 -15.06
CA GLY A 43 -13.60 -11.70 -16.19
C GLY A 43 -14.69 -12.65 -16.66
N GLU A 44 -15.38 -13.24 -15.70
CA GLU A 44 -16.55 -14.07 -15.97
C GLU A 44 -17.59 -13.28 -16.76
N ARG A 45 -17.75 -12.00 -16.42
CA ARG A 45 -18.72 -11.16 -17.08
C ARG A 45 -18.30 -10.80 -18.51
N LYS A 46 -17.01 -10.54 -18.67
CA LYS A 46 -16.47 -10.01 -19.90
C LYS A 46 -15.92 -11.10 -20.78
N SER A 47 -16.11 -12.34 -20.34
CA SER A 47 -15.66 -13.54 -21.05
C SER A 47 -14.13 -13.60 -21.14
N LYS A 48 -13.46 -13.02 -20.16
CA LYS A 48 -12.00 -13.09 -20.06
C LYS A 48 -11.60 -13.83 -18.79
N PRO A 49 -11.49 -15.16 -18.86
CA PRO A 49 -11.27 -15.95 -17.64
C PRO A 49 -9.85 -15.87 -17.08
N ASN A 50 -8.98 -15.10 -17.72
CA ASN A 50 -7.66 -14.88 -17.15
C ASN A 50 -7.50 -13.51 -16.53
N MET A 51 -8.60 -13.01 -16.00
CA MET A 51 -8.65 -11.71 -15.38
C MET A 51 -8.26 -11.83 -13.91
N ASN A 52 -7.33 -11.00 -13.48
CA ASN A 52 -6.89 -10.99 -12.08
C ASN A 52 -6.84 -9.58 -11.54
N TYR A 53 -6.55 -9.43 -10.25
CA TYR A 53 -6.52 -8.09 -9.65
C TYR A 53 -5.48 -7.14 -10.26
N ASP A 54 -4.35 -7.68 -10.68
CA ASP A 54 -3.32 -6.90 -11.35
C ASP A 54 -3.88 -6.23 -12.59
N LYS A 55 -4.62 -7.02 -13.38
CA LYS A 55 -5.14 -6.54 -14.66
C LYS A 55 -6.33 -5.64 -14.44
N LEU A 56 -7.14 -6.00 -13.45
CA LEU A 56 -8.28 -5.17 -13.15
C LEU A 56 -7.84 -3.77 -12.74
N SER A 57 -6.90 -3.70 -11.80
CA SER A 57 -6.46 -2.42 -11.25
C SER A 57 -5.76 -1.57 -12.30
N ARG A 58 -5.14 -2.21 -13.28
CA ARG A 58 -4.60 -1.47 -14.39
C ARG A 58 -5.70 -0.70 -15.11
N ALA A 59 -6.82 -1.39 -15.36
CA ALA A 59 -7.97 -0.77 -15.99
C ALA A 59 -8.50 0.40 -15.14
N LEU A 60 -8.48 0.25 -13.82
CA LEU A 60 -8.86 1.35 -12.95
C LEU A 60 -7.89 2.52 -13.09
N ARG A 61 -6.60 2.23 -13.29
CA ARG A 61 -5.60 3.30 -13.40
C ARG A 61 -5.79 4.12 -14.66
N TYR A 62 -6.34 3.51 -15.69
CA TYR A 62 -6.59 4.23 -16.93
C TYR A 62 -7.75 5.19 -16.77
N TYR A 63 -8.62 4.88 -15.82
CA TYR A 63 -9.71 5.77 -15.46
C TYR A 63 -9.22 7.07 -14.83
N TYR A 64 -8.02 7.05 -14.23
CA TYR A 64 -7.46 8.23 -13.55
C TYR A 64 -7.40 9.46 -14.44
N ASP A 65 -6.76 9.32 -15.59
CA ASP A 65 -6.62 10.45 -16.49
C ASP A 65 -7.92 10.76 -17.22
N LYS A 66 -8.88 9.85 -17.16
CA LYS A 66 -10.19 10.06 -17.79
C LYS A 66 -11.24 10.58 -16.80
N ASN A 67 -10.80 10.90 -15.58
CA ASN A 67 -11.67 11.48 -14.56
C ASN A 67 -12.88 10.63 -14.21
N ILE A 68 -12.68 9.35 -14.01
CA ILE A 68 -13.78 8.46 -13.68
C ILE A 68 -13.51 7.86 -12.31
N MET A 69 -12.23 7.80 -11.97
CA MET A 69 -11.81 7.11 -10.78
C MET A 69 -10.52 7.74 -10.22
N THR A 70 -10.34 7.67 -8.91
CA THR A 70 -9.07 8.07 -8.30
C THR A 70 -8.72 7.01 -7.28
N LYS A 71 -7.45 6.91 -6.92
CA LYS A 71 -7.06 6.04 -5.82
C LYS A 71 -7.29 6.72 -4.45
N VAL A 72 -7.81 5.96 -3.50
CA VAL A 72 -7.75 6.30 -2.10
C VAL A 72 -6.34 5.92 -1.60
N HIS A 73 -5.47 6.92 -1.50
CA HIS A 73 -4.05 6.69 -1.25
C HIS A 73 -3.74 6.19 0.17
N GLY A 74 -3.11 5.01 0.26
CA GLY A 74 -2.72 4.46 1.55
C GLY A 74 -3.73 3.47 2.12
N LYS A 75 -4.85 3.30 1.43
CA LYS A 75 -5.80 2.31 1.88
C LYS A 75 -5.89 1.20 0.84
N ARG A 76 -5.76 -0.02 1.33
CA ARG A 76 -5.70 -1.23 0.51
C ARG A 76 -6.98 -1.47 -0.27
N TYR A 77 -6.83 -1.68 -1.58
CA TYR A 77 -7.93 -2.03 -2.47
C TYR A 77 -9.08 -1.05 -2.40
N ALA A 78 -8.76 0.23 -2.34
CA ALA A 78 -9.79 1.24 -2.15
C ALA A 78 -9.71 2.33 -3.21
N TYR A 79 -10.84 2.57 -3.89
CA TYR A 79 -10.85 3.56 -4.94
C TYR A 79 -12.01 4.53 -4.75
N LYS A 80 -12.03 5.56 -5.57
CA LYS A 80 -13.05 6.58 -5.46
C LYS A 80 -13.61 6.92 -6.81
N PHE A 81 -14.94 6.84 -6.90
CA PHE A 81 -15.68 7.26 -8.09
C PHE A 81 -15.59 8.77 -8.21
N ASP A 82 -15.32 9.28 -9.40
CA ASP A 82 -15.39 10.70 -9.66
C ASP A 82 -16.70 11.02 -10.35
N PHE A 83 -17.74 11.13 -9.52
CA PHE A 83 -19.09 11.28 -10.03
C PHE A 83 -19.24 12.49 -10.91
N HIS A 84 -18.47 13.53 -10.62
CA HIS A 84 -18.45 14.72 -11.45
C HIS A 84 -17.96 14.38 -12.85
N GLY A 85 -16.86 13.64 -12.96
CA GLY A 85 -16.35 13.23 -14.25
C GLY A 85 -17.30 12.32 -14.99
N ILE A 86 -17.92 11.41 -14.25
CA ILE A 86 -18.89 10.48 -14.85
C ILE A 86 -20.10 11.27 -15.35
N ALA A 87 -20.59 12.22 -14.54
CA ALA A 87 -21.71 13.05 -14.95
C ALA A 87 -21.37 13.84 -16.21
N GLN A 88 -20.19 14.44 -16.20
CA GLN A 88 -19.66 15.17 -17.35
C GLN A 88 -19.74 14.35 -18.61
N ALA A 89 -19.46 13.06 -18.49
CA ALA A 89 -19.38 12.21 -19.66
C ALA A 89 -20.72 11.72 -20.15
N LEU A 90 -21.59 11.31 -19.22
CA LEU A 90 -22.93 10.85 -19.60
C LEU A 90 -23.71 11.98 -20.23
N LEU A 91 -23.28 13.19 -19.96
CA LEU A 91 -24.03 14.36 -20.34
C LEU A 91 -23.57 14.84 -21.71
N GLU A 92 -22.26 14.89 -21.88
CA GLU A 92 -21.69 15.27 -23.16
C GLU A 92 -22.00 14.22 -24.22
N HIS A 93 -22.18 13.00 -23.75
CA HIS A 93 -22.55 11.91 -24.60
C HIS A 93 -23.91 12.18 -25.26
N HIS A 94 -24.90 12.46 -24.43
CA HIS A 94 -26.28 12.63 -24.90
C HIS A 94 -26.51 13.93 -25.65
N HIS A 95 -25.84 15.00 -25.24
CA HIS A 95 -25.84 16.23 -26.00
C HIS A 95 -25.42 15.98 -27.45
N HIS A 96 -24.28 15.30 -27.60
CA HIS A 96 -23.75 14.96 -28.92
C HIS A 96 -24.61 13.97 -29.70
N HIS A 97 -24.96 12.87 -29.04
CA HIS A 97 -25.82 11.86 -29.67
C HIS A 97 -26.61 11.04 -28.66
N GLN D 1 23.91 9.08 18.81
CA GLN D 1 25.09 8.40 18.28
C GLN D 1 24.69 7.24 17.37
N ILE D 2 23.89 6.31 17.90
CA ILE D 2 23.49 5.12 17.16
C ILE D 2 22.69 5.49 15.93
N GLN D 3 22.82 4.71 14.86
CA GLN D 3 22.07 5.02 13.65
C GLN D 3 20.82 4.16 13.57
N LEU D 4 19.81 4.65 12.87
CA LEU D 4 18.53 3.97 12.82
C LEU D 4 18.65 2.53 12.32
N TRP D 5 19.44 2.31 11.27
CA TRP D 5 19.59 0.94 10.78
C TRP D 5 20.23 0.08 11.85
N GLN D 6 21.22 0.63 12.53
CA GLN D 6 21.89 -0.08 13.61
C GLN D 6 20.91 -0.33 14.77
N PHE D 7 20.13 0.68 15.10
CA PHE D 7 19.16 0.54 16.17
C PHE D 7 18.14 -0.57 15.91
N LEU D 8 17.63 -0.65 14.69
CA LEU D 8 16.65 -1.68 14.34
C LEU D 8 17.26 -3.08 14.41
N LEU D 9 18.52 -3.22 13.99
CA LEU D 9 19.25 -4.47 14.21
C LEU D 9 19.29 -4.87 15.68
N GLU D 10 19.52 -3.87 16.53
CA GLU D 10 19.55 -4.09 17.97
C GLU D 10 18.21 -4.65 18.42
N LEU D 11 17.12 -4.07 17.94
CA LEU D 11 15.78 -4.58 18.26
C LEU D 11 15.56 -5.98 17.71
N LEU D 12 16.15 -6.24 16.55
CA LEU D 12 15.98 -7.51 15.85
C LEU D 12 16.87 -8.59 16.43
N SER D 13 18.03 -8.18 16.94
CA SER D 13 18.98 -9.11 17.56
C SER D 13 18.37 -9.78 18.78
N ASP D 14 17.61 -9.02 19.55
CA ASP D 14 16.88 -9.56 20.69
C ASP D 14 15.44 -9.89 20.26
N SER D 15 15.15 -11.18 20.12
CA SER D 15 13.84 -11.64 19.62
C SER D 15 12.72 -11.42 20.64
N SER D 16 13.05 -10.76 21.75
CA SER D 16 12.06 -10.43 22.78
C SER D 16 11.15 -9.29 22.33
N ASN D 17 11.51 -8.64 21.23
CA ASN D 17 10.73 -7.57 20.64
C ASN D 17 9.91 -8.06 19.45
N SER D 18 9.66 -9.36 19.40
CA SER D 18 9.02 -9.97 18.23
C SER D 18 7.58 -9.52 18.05
N SER D 19 6.99 -8.97 19.10
CA SER D 19 5.63 -8.46 19.05
C SER D 19 5.54 -7.16 18.27
N CYS D 20 6.68 -6.52 18.05
CA CYS D 20 6.70 -5.20 17.41
C CYS D 20 7.62 -5.12 16.19
N ILE D 21 8.55 -6.08 16.06
CA ILE D 21 9.43 -6.15 14.90
C ILE D 21 10.01 -7.57 14.75
N THR D 22 10.22 -8.00 13.50
CA THR D 22 10.65 -9.38 13.26
C THR D 22 11.30 -9.58 11.90
N TRP D 23 12.24 -10.52 11.81
CA TRP D 23 12.80 -10.91 10.52
C TRP D 23 11.74 -11.60 9.69
N GLU D 24 11.76 -11.38 8.37
CA GLU D 24 10.78 -12.00 7.50
C GLU D 24 11.29 -12.23 6.06
N GLY D 25 12.18 -13.19 5.82
CA GLY D 25 12.82 -13.99 6.85
C GLY D 25 14.16 -14.49 6.35
N THR D 26 15.15 -14.45 7.23
CA THR D 26 16.48 -15.03 6.98
C THR D 26 17.28 -14.40 5.84
N ASN D 27 16.83 -13.26 5.31
CA ASN D 27 17.54 -12.67 4.20
C ASN D 27 17.61 -11.13 4.25
N GLY D 28 17.32 -10.55 5.39
CA GLY D 28 17.44 -9.10 5.53
C GLY D 28 16.08 -8.43 5.58
N GLU D 29 15.06 -9.12 5.11
CA GLU D 29 13.72 -8.57 5.07
C GLU D 29 13.08 -8.64 6.45
N PHE D 30 12.48 -7.53 6.88
CA PHE D 30 11.77 -7.49 8.16
C PHE D 30 10.48 -6.68 8.08
N LYS D 31 9.53 -7.02 8.95
CA LYS D 31 8.30 -6.26 9.07
C LYS D 31 8.11 -5.76 10.50
N MET D 32 7.82 -4.47 10.64
CA MET D 32 7.40 -3.94 11.93
C MET D 32 5.93 -4.24 12.17
N THR D 33 5.64 -5.14 13.12
CA THR D 33 4.26 -5.54 13.38
C THR D 33 3.53 -4.56 14.30
N ASP D 34 4.30 -3.62 14.85
CA ASP D 34 3.73 -2.51 15.58
C ASP D 34 4.57 -1.27 15.34
N PRO D 35 4.43 -0.67 14.14
CA PRO D 35 5.27 0.45 13.70
C PRO D 35 5.25 1.64 14.64
N ASP D 36 4.18 1.78 15.40
CA ASP D 36 4.09 2.90 16.33
C ASP D 36 4.97 2.65 17.57
N GLU D 37 5.02 1.40 18.03
CA GLU D 37 5.80 1.04 19.21
C GLU D 37 7.30 1.08 18.91
N VAL D 38 7.64 0.73 17.69
CA VAL D 38 9.01 0.78 17.26
C VAL D 38 9.45 2.24 17.23
N ALA D 39 8.52 3.11 16.90
CA ALA D 39 8.79 4.54 16.81
C ALA D 39 9.04 5.14 18.18
N ARG D 40 8.27 4.74 19.20
CA ARG D 40 8.42 5.35 20.51
C ARG D 40 9.72 4.91 21.17
N ARG D 41 10.18 3.72 20.83
CA ARG D 41 11.42 3.19 21.38
C ARG D 41 12.62 3.94 20.81
N TRP D 42 12.50 4.33 19.54
CA TRP D 42 13.54 5.03 18.83
C TRP D 42 13.66 6.47 19.31
N GLY D 43 12.54 7.07 19.66
CA GLY D 43 12.54 8.41 20.23
C GLY D 43 13.09 8.34 21.64
N GLU D 44 12.73 7.29 22.35
CA GLU D 44 13.23 7.02 23.69
C GLU D 44 14.76 6.98 23.68
N ARG D 45 15.34 6.38 22.64
CA ARG D 45 16.78 6.26 22.51
C ARG D 45 17.45 7.59 22.16
N LYS D 46 16.82 8.35 21.28
CA LYS D 46 17.43 9.56 20.75
C LYS D 46 16.97 10.85 21.46
N SER D 47 16.15 10.68 22.50
CA SER D 47 15.59 11.78 23.30
C SER D 47 14.64 12.67 22.48
N LYS D 48 13.99 12.10 21.48
CA LYS D 48 12.97 12.82 20.74
C LYS D 48 11.62 12.16 20.95
N PRO D 49 10.92 12.57 22.01
CA PRO D 49 9.67 11.95 22.47
C PRO D 49 8.48 12.31 21.57
N ASN D 50 8.73 13.04 20.49
CA ASN D 50 7.73 13.29 19.47
C ASN D 50 8.02 12.47 18.21
N MET D 51 8.58 11.29 18.40
CA MET D 51 8.95 10.42 17.28
C MET D 51 7.79 9.50 16.85
N ASN D 52 7.48 9.49 15.56
CA ASN D 52 6.42 8.62 15.06
C ASN D 52 6.85 7.85 13.81
N TYR D 53 5.98 6.96 13.32
CA TYR D 53 6.29 6.16 12.12
C TYR D 53 6.49 7.04 10.89
N ASP D 54 5.76 8.15 10.82
CA ASP D 54 5.92 9.08 9.71
C ASP D 54 7.36 9.61 9.62
N LYS D 55 7.97 9.95 10.75
CA LYS D 55 9.33 10.51 10.77
C LYS D 55 10.39 9.43 10.63
N LEU D 56 10.18 8.31 11.33
CA LEU D 56 11.08 7.18 11.28
C LEU D 56 11.22 6.66 9.86
N SER D 57 10.11 6.42 9.18
CA SER D 57 10.19 5.87 7.83
C SER D 57 10.77 6.88 6.85
N ARG D 58 10.66 8.16 7.15
CA ARG D 58 11.35 9.16 6.34
C ARG D 58 12.88 8.93 6.39
N ALA D 59 13.37 8.68 7.59
CA ALA D 59 14.78 8.40 7.80
C ALA D 59 15.18 7.17 7.03
N LEU D 60 14.28 6.20 6.99
CA LEU D 60 14.49 4.97 6.23
C LEU D 60 14.58 5.25 4.74
N ARG D 61 13.80 6.19 4.24
CA ARG D 61 13.85 6.50 2.82
C ARG D 61 15.18 7.13 2.44
N TYR D 62 15.85 7.75 3.41
CA TYR D 62 17.14 8.35 3.13
C TYR D 62 18.16 7.25 2.89
N TYR D 63 17.89 6.11 3.52
CA TYR D 63 18.68 4.90 3.32
C TYR D 63 18.60 4.31 1.89
N TYR D 64 17.52 4.62 1.15
CA TYR D 64 17.33 4.09 -0.21
C TYR D 64 18.50 4.48 -1.12
N ASP D 65 18.81 5.78 -1.16
CA ASP D 65 19.93 6.28 -1.96
C ASP D 65 21.31 5.99 -1.35
N LYS D 66 21.35 5.59 -0.09
CA LYS D 66 22.61 5.30 0.57
C LYS D 66 22.95 3.81 0.54
N ASN D 67 22.12 3.03 -0.14
CA ASN D 67 22.36 1.60 -0.29
C ASN D 67 22.52 0.89 1.05
N ILE D 68 21.63 1.23 1.98
CA ILE D 68 21.66 0.67 3.32
C ILE D 68 20.38 -0.12 3.56
N MET D 69 19.33 0.28 2.87
CA MET D 69 18.05 -0.35 3.08
C MET D 69 17.12 -0.17 1.87
N THR D 70 16.22 -1.11 1.68
CA THR D 70 15.18 -0.96 0.65
C THR D 70 13.80 -1.25 1.22
N LYS D 71 12.79 -0.73 0.55
CA LYS D 71 11.44 -1.11 0.90
C LYS D 71 11.11 -2.46 0.28
N VAL D 72 10.45 -3.29 1.07
CA VAL D 72 9.72 -4.43 0.52
C VAL D 72 8.43 -3.87 -0.09
N HIS D 73 8.42 -3.72 -1.41
CA HIS D 73 7.33 -3.03 -2.10
C HIS D 73 6.03 -3.84 -2.05
N GLY D 74 4.97 -3.23 -1.55
CA GLY D 74 3.67 -3.89 -1.53
C GLY D 74 3.35 -4.56 -0.22
N LYS D 75 4.31 -4.57 0.71
CA LYS D 75 4.02 -5.12 2.03
C LYS D 75 4.12 -4.02 3.08
N ARG D 76 3.08 -3.93 3.89
CA ARG D 76 2.93 -2.90 4.91
C ARG D 76 3.98 -2.99 6.01
N TYR D 77 4.64 -1.87 6.26
CA TYR D 77 5.65 -1.74 7.31
C TYR D 77 6.79 -2.73 7.16
N ALA D 78 7.21 -2.95 5.92
CA ALA D 78 8.22 -3.96 5.65
C ALA D 78 9.40 -3.39 4.88
N TYR D 79 10.59 -3.57 5.41
CA TYR D 79 11.77 -3.03 4.75
C TYR D 79 12.82 -4.12 4.61
N LYS D 80 13.88 -3.83 3.89
CA LYS D 80 14.95 -4.80 3.69
C LYS D 80 16.34 -4.19 3.88
N PHE D 81 17.13 -4.77 4.78
CA PHE D 81 18.52 -4.37 4.99
C PHE D 81 19.36 -4.69 3.76
N ASP D 82 20.19 -3.76 3.31
CA ASP D 82 21.14 -4.11 2.28
C ASP D 82 22.52 -4.33 2.90
N PHE D 83 22.71 -5.53 3.44
CA PHE D 83 23.93 -5.87 4.15
C PHE D 83 25.15 -5.75 3.25
N HIS D 84 24.95 -5.96 1.96
CA HIS D 84 26.02 -5.73 1.00
C HIS D 84 26.45 -4.26 0.94
N GLY D 85 25.47 -3.37 0.80
CA GLY D 85 25.73 -1.94 0.73
C GLY D 85 26.39 -1.46 2.00
N ILE D 86 25.93 -2.03 3.12
CA ILE D 86 26.47 -1.72 4.43
C ILE D 86 27.89 -2.18 4.64
N ALA D 87 28.17 -3.43 4.29
CA ALA D 87 29.54 -3.95 4.42
C ALA D 87 30.46 -3.14 3.55
N GLN D 88 30.02 -2.91 2.31
CA GLN D 88 30.76 -2.08 1.38
C GLN D 88 31.07 -0.71 1.98
N ALA D 89 30.13 -0.19 2.78
CA ALA D 89 30.25 1.15 3.34
C ALA D 89 31.19 1.15 4.53
N LEU D 90 31.11 0.11 5.35
CA LEU D 90 32.02 -0.07 6.49
C LEU D 90 33.44 -0.36 6.00
N LEU D 91 33.55 -0.76 4.74
CA LEU D 91 34.81 -1.18 4.13
C LEU D 91 35.46 0.00 3.42
N GLU D 92 34.63 0.81 2.78
CA GLU D 92 35.06 2.03 2.09
C GLU D 92 35.67 2.99 3.09
N HIS D 93 35.50 2.66 4.37
CA HIS D 93 36.07 3.39 5.49
C HIS D 93 37.61 3.54 5.46
N HIS D 94 38.30 2.83 4.57
CA HIS D 94 39.74 3.06 4.43
C HIS D 94 40.10 3.48 3.02
#